data_8Q9P
#
_entry.id   8Q9P
#
_cell.length_a   54.243
_cell.length_b   56.748
_cell.length_c   76.689
_cell.angle_alpha   90.00
_cell.angle_beta   90.00
_cell.angle_gamma   90.00
#
_symmetry.space_group_name_H-M   'P 21 21 21'
#
loop_
_entity.id
_entity.type
_entity.pdbx_description
1 polymer 'HDAC5 (histone deacetylase 5) binding motif peptide: TRP-GLY-SER-GLY-GLU-VAL-LYS-LEU-ARG-LEU-GLN-GLU-PHE-LEU-LEU-SER-LYS-SER'
2 polymer 'MEF2D protein'
3 polymer 'MADS box dsDNA fw: AACTATTTATAAGA'
4 polymer 'MADS box dsNA rev:TCTTATAAATAGTT'
5 water water
#
loop_
_entity_poly.entity_id
_entity_poly.type
_entity_poly.pdbx_seq_one_letter_code
_entity_poly.pdbx_strand_id
1 'polypeptide(L)' WGSGEVKLRLQEFLLSKS X
2 'polypeptide(L)'
;MGRKKIQIQRITDERNRQVTFTKRKFGLMKKAYELSVLCDCEIALIIFNHSNKLFQYASTDMDKVLLKYTEYNEPHESRT
NADIIETLRKKGFNG
;
A,B
3 'polydeoxyribonucleotide' (DA)(DA)(DC)(DT)(DA)(DT)(DT)(DT)(DA)(DT)(DA)(DA)(DG)(DA) K
4 'polydeoxyribonucleotide' (DT)(DC)(DT)(DT)(DA)(DT)(DA)(DA)(DA)(DT)(DA)(DG)(DT)(DT) L
#
loop_
_chem_comp.id
_chem_comp.type
_chem_comp.name
_chem_comp.formula
DA DNA linking 2'-DEOXYADENOSINE-5'-MONOPHOSPHATE 'C10 H14 N5 O6 P'
DC DNA linking 2'-DEOXYCYTIDINE-5'-MONOPHOSPHATE 'C9 H14 N3 O7 P'
DG DNA linking 2'-DEOXYGUANOSINE-5'-MONOPHOSPHATE 'C10 H14 N5 O7 P'
DT DNA linking THYMIDINE-5'-MONOPHOSPHATE 'C10 H15 N2 O8 P'
#
# COMPACT_ATOMS: atom_id res chain seq x y z
N TRP A 1 7.75 -1.55 15.39
CA TRP A 1 6.80 -0.50 15.73
C TRP A 1 6.91 -0.11 17.21
N GLY A 2 6.71 -1.09 18.09
CA GLY A 2 6.72 -0.85 19.52
C GLY A 2 8.16 -0.76 20.02
N SER A 3 8.83 -1.92 19.97
CA SER A 3 10.21 -2.06 20.36
C SER A 3 10.93 -2.85 19.27
N GLY A 4 12.25 -3.03 19.42
CA GLY A 4 13.00 -3.98 18.63
C GLY A 4 14.36 -3.47 18.15
N GLU A 5 15.03 -4.32 17.36
CA GLU A 5 16.29 -3.99 16.73
C GLU A 5 16.05 -3.53 15.29
N VAL A 6 14.88 -3.89 14.73
CA VAL A 6 14.43 -3.41 13.43
C VAL A 6 13.97 -1.95 13.58
N LYS A 7 13.17 -1.71 14.64
CA LYS A 7 12.73 -0.39 15.07
C LYS A 7 13.95 0.54 15.13
N LEU A 8 15.07 0.03 15.65
CA LEU A 8 16.29 0.80 15.85
C LEU A 8 16.93 1.13 14.51
N ARG A 9 16.99 0.13 13.62
CA ARG A 9 17.68 0.25 12.33
C ARG A 9 16.93 1.25 11.45
N LEU A 10 15.59 1.15 11.43
CA LEU A 10 14.73 2.03 10.66
C LEU A 10 14.86 3.47 11.17
N GLN A 11 14.77 3.66 12.50
CA GLN A 11 14.87 4.99 13.09
C GLN A 11 16.15 5.72 12.70
N GLU A 12 17.31 5.03 12.76
CA GLU A 12 18.61 5.59 12.45
C GLU A 12 18.74 6.01 10.99
N PHE A 13 18.31 5.14 10.07
CA PHE A 13 18.30 5.40 8.64
C PHE A 13 17.54 6.70 8.37
N LEU A 14 16.34 6.82 8.96
CA LEU A 14 15.47 7.97 8.84
C LEU A 14 16.15 9.23 9.40
N LEU A 15 16.96 9.06 10.45
CA LEU A 15 17.49 10.20 11.18
C LEU A 15 18.84 10.67 10.61
N SER A 16 19.58 9.78 9.95
CA SER A 16 20.77 10.19 9.21
C SER A 16 20.41 10.44 7.74
N GLY B 2 -19.92 2.19 -8.44
CA GLY B 2 -20.89 2.40 -7.36
C GLY B 2 -22.18 2.96 -7.95
N ARG B 3 -23.23 3.06 -7.11
CA ARG B 3 -24.49 3.61 -7.60
C ARG B 3 -24.27 5.00 -8.18
N LYS B 4 -23.29 5.75 -7.65
CA LYS B 4 -23.01 7.08 -8.17
C LYS B 4 -21.50 7.30 -8.23
N LYS B 5 -21.08 8.19 -9.11
CA LYS B 5 -19.72 8.71 -9.05
C LYS B 5 -19.61 9.65 -7.84
N ILE B 6 -18.51 9.54 -7.09
CA ILE B 6 -18.28 10.48 -6.00
C ILE B 6 -17.05 11.32 -6.31
N GLN B 7 -17.01 12.52 -5.71
CA GLN B 7 -15.84 13.37 -5.79
C GLN B 7 -14.80 12.86 -4.79
N ILE B 8 -13.54 12.92 -5.18
CA ILE B 8 -12.52 12.52 -4.23
C ILE B 8 -12.25 13.73 -3.32
N GLN B 9 -12.92 13.75 -2.17
CA GLN B 9 -12.81 14.79 -1.17
C GLN B 9 -13.16 14.17 0.19
N ARG B 10 -12.67 14.79 1.26
CA ARG B 10 -12.84 14.29 2.61
C ARG B 10 -14.31 14.01 2.91
N ILE B 11 -14.59 12.80 3.42
CA ILE B 11 -15.92 12.46 3.92
C ILE B 11 -16.04 12.96 5.35
N THR B 12 -17.07 13.78 5.64
CA THR B 12 -17.24 14.39 6.97
C THR B 12 -18.13 13.52 7.87
N ASP B 13 -19.13 12.86 7.30
CA ASP B 13 -19.97 11.94 8.07
C ASP B 13 -19.10 10.81 8.63
N GLU B 14 -18.94 10.82 9.96
CA GLU B 14 -18.10 9.89 10.67
C GLU B 14 -18.44 8.45 10.29
N ARG B 15 -19.74 8.17 10.14
CA ARG B 15 -20.21 6.81 9.89
C ARG B 15 -19.86 6.41 8.46
N ASN B 16 -20.17 7.28 7.49
CA ASN B 16 -19.90 6.96 6.10
C ASN B 16 -18.40 6.74 5.92
N ARG B 17 -17.62 7.54 6.67
CA ARG B 17 -16.17 7.52 6.58
C ARG B 17 -15.64 6.14 7.00
N GLN B 18 -16.17 5.59 8.08
CA GLN B 18 -15.65 4.36 8.67
C GLN B 18 -16.01 3.19 7.77
N VAL B 19 -17.19 3.25 7.15
CA VAL B 19 -17.69 2.20 6.28
C VAL B 19 -16.82 2.19 5.02
N THR B 20 -16.57 3.38 4.45
CA THR B 20 -15.74 3.53 3.28
C THR B 20 -14.31 3.07 3.58
N PHE B 21 -13.76 3.52 4.72
CA PHE B 21 -12.42 3.17 5.16
C PHE B 21 -12.25 1.65 5.18
N THR B 22 -13.19 0.94 5.81
CA THR B 22 -13.00 -0.49 6.02
C THR B 22 -13.01 -1.23 4.68
N LYS B 23 -13.98 -0.88 3.83
CA LYS B 23 -14.14 -1.53 2.53
C LYS B 23 -12.97 -1.20 1.60
N ARG B 24 -12.55 0.06 1.55
CA ARG B 24 -11.48 0.44 0.63
C ARG B 24 -10.09 -0.03 1.12
N LYS B 25 -9.89 -0.08 2.44
CA LYS B 25 -8.66 -0.61 3.00
C LYS B 25 -8.51 -2.05 2.52
N PHE B 26 -9.60 -2.83 2.62
CA PHE B 26 -9.51 -4.22 2.21
C PHE B 26 -9.27 -4.32 0.71
N GLY B 27 -9.94 -3.46 -0.06
CA GLY B 27 -9.77 -3.40 -1.50
C GLY B 27 -8.33 -3.13 -1.91
N LEU B 28 -7.66 -2.25 -1.17
CA LEU B 28 -6.27 -1.91 -1.40
C LEU B 28 -5.39 -3.13 -1.08
N MET B 29 -5.66 -3.81 0.03
CA MET B 29 -4.84 -4.95 0.42
C MET B 29 -5.06 -6.13 -0.53
N LYS B 30 -6.27 -6.28 -1.07
CA LYS B 30 -6.56 -7.32 -2.04
C LYS B 30 -5.77 -7.09 -3.33
N LYS B 31 -5.73 -5.84 -3.80
CA LYS B 31 -4.97 -5.50 -4.99
C LYS B 31 -3.47 -5.67 -4.74
N ALA B 32 -3.00 -5.34 -3.52
CA ALA B 32 -1.61 -5.62 -3.19
C ALA B 32 -1.33 -7.12 -3.28
N TYR B 33 -2.23 -7.94 -2.71
CA TYR B 33 -2.07 -9.39 -2.73
C TYR B 33 -1.93 -9.89 -4.17
N GLU B 34 -2.85 -9.48 -5.05
CA GLU B 34 -2.83 -9.86 -6.47
C GLU B 34 -1.53 -9.43 -7.15
N LEU B 35 -1.12 -8.16 -7.00
CA LEU B 35 0.14 -7.71 -7.61
C LEU B 35 1.33 -8.56 -7.12
N SER B 36 1.42 -8.81 -5.82
CA SER B 36 2.55 -9.57 -5.30
C SER B 36 2.65 -10.97 -5.91
N VAL B 37 1.50 -11.65 -6.09
CA VAL B 37 1.45 -12.97 -6.72
C VAL B 37 1.65 -12.88 -8.23
N LEU B 38 0.96 -11.95 -8.93
CA LEU B 38 1.05 -11.96 -10.39
C LEU B 38 2.48 -11.65 -10.83
N CYS B 39 3.13 -10.69 -10.16
CA CYS B 39 4.36 -10.10 -10.65
C CYS B 39 5.54 -10.43 -9.73
N ASP B 40 5.32 -11.36 -8.80
CA ASP B 40 6.39 -11.92 -7.97
C ASP B 40 7.10 -10.80 -7.20
N CYS B 41 6.35 -10.02 -6.40
CA CYS B 41 7.02 -8.95 -5.68
C CYS B 41 6.60 -8.88 -4.21
N GLU B 42 7.30 -8.02 -3.46
CA GLU B 42 7.12 -7.89 -2.02
C GLU B 42 6.58 -6.49 -1.77
N ILE B 43 5.47 -6.43 -1.03
CA ILE B 43 4.77 -5.17 -0.84
C ILE B 43 4.48 -4.99 0.65
N ALA B 44 4.66 -3.76 1.11
CA ALA B 44 4.24 -3.34 2.43
C ALA B 44 3.41 -2.06 2.31
N LEU B 45 2.40 -1.99 3.17
CA LEU B 45 1.46 -0.90 3.22
C LEU B 45 1.30 -0.53 4.69
N ILE B 46 1.50 0.75 4.99
CA ILE B 46 1.26 1.29 6.32
C ILE B 46 0.19 2.37 6.23
N ILE B 47 -0.85 2.28 7.06
CA ILE B 47 -1.95 3.24 7.03
C ILE B 47 -2.15 3.78 8.44
N PHE B 48 -2.19 5.11 8.57
CA PHE B 48 -2.70 5.75 9.78
C PHE B 48 -4.04 6.40 9.46
N ASN B 49 -5.10 5.98 10.15
CA ASN B 49 -6.42 6.55 9.95
C ASN B 49 -6.48 7.93 10.62
N HIS B 50 -7.70 8.49 10.66
CA HIS B 50 -7.97 9.85 11.10
C HIS B 50 -7.68 9.97 12.59
N SER B 51 -7.85 8.87 13.33
CA SER B 51 -7.57 8.84 14.76
C SER B 51 -6.11 8.49 15.03
N ASN B 52 -5.29 8.32 13.98
CA ASN B 52 -3.88 7.97 14.14
C ASN B 52 -3.72 6.51 14.61
N LYS B 53 -4.71 5.66 14.35
CA LYS B 53 -4.54 4.24 14.60
C LYS B 53 -3.84 3.63 13.39
N LEU B 54 -2.98 2.64 13.67
CA LEU B 54 -2.14 2.01 12.68
C LEU B 54 -2.77 0.70 12.16
N PHE B 55 -2.79 0.57 10.83
CA PHE B 55 -3.13 -0.66 10.13
C PHE B 55 -1.97 -1.00 9.18
N GLN B 56 -1.59 -2.27 9.10
CA GLN B 56 -0.46 -2.59 8.24
C GLN B 56 -0.70 -3.87 7.47
N TYR B 57 -0.06 -3.94 6.30
CA TYR B 57 -0.10 -5.12 5.45
C TYR B 57 1.31 -5.34 4.90
N ALA B 58 1.68 -6.61 4.75
CA ALA B 58 2.92 -6.93 4.06
C ALA B 58 2.73 -8.28 3.37
N SER B 59 3.18 -8.42 2.14
CA SER B 59 2.86 -9.68 1.47
C SER B 59 3.40 -10.87 2.25
N THR B 60 4.62 -10.77 2.79
CA THR B 60 5.19 -11.82 3.62
C THR B 60 5.58 -11.35 5.02
N ASP B 61 6.52 -10.40 5.11
CA ASP B 61 7.17 -10.04 6.36
C ASP B 61 7.55 -8.56 6.33
N MET B 62 6.87 -7.78 7.18
CA MET B 62 7.08 -6.34 7.24
C MET B 62 8.52 -6.00 7.65
N ASP B 63 9.09 -6.73 8.62
CA ASP B 63 10.44 -6.50 9.12
C ASP B 63 11.45 -6.50 7.97
N LYS B 64 11.41 -7.56 7.16
CA LYS B 64 12.34 -7.78 6.06
C LYS B 64 12.24 -6.65 5.04
N VAL B 65 11.03 -6.16 4.75
CA VAL B 65 10.85 -5.09 3.76
C VAL B 65 11.44 -3.80 4.32
N LEU B 66 11.19 -3.55 5.61
CA LEU B 66 11.75 -2.33 6.20
C LEU B 66 13.27 -2.42 6.21
N LEU B 67 13.82 -3.60 6.54
CA LEU B 67 15.27 -3.78 6.57
C LEU B 67 15.85 -3.54 5.18
N LYS B 68 15.21 -4.13 4.16
CA LYS B 68 15.65 -3.94 2.78
C LYS B 68 15.51 -2.48 2.39
N TYR B 69 14.42 -1.83 2.81
CA TYR B 69 14.23 -0.44 2.44
C TYR B 69 15.41 0.38 2.92
N THR B 70 15.88 0.13 4.17
CA THR B 70 16.94 0.95 4.74
C THR B 70 18.26 0.79 3.99
N GLU B 71 18.46 -0.37 3.37
CA GLU B 71 19.69 -0.74 2.67
C GLU B 71 19.73 -0.11 1.28
N TYR B 72 18.58 0.34 0.78
CA TYR B 72 18.52 0.91 -0.56
C TYR B 72 19.04 2.35 -0.54
N ASN B 73 19.86 2.67 -1.52
CA ASN B 73 20.50 3.99 -1.57
C ASN B 73 20.39 4.57 -2.98
N GLU B 74 20.23 3.70 -3.98
CA GLU B 74 20.08 4.13 -5.38
C GLU B 74 18.81 4.97 -5.50
N PRO B 75 18.73 5.93 -6.47
CA PRO B 75 17.47 6.61 -6.78
C PRO B 75 16.44 5.61 -7.32
N HIS B 76 15.16 5.91 -7.08
CA HIS B 76 14.07 5.01 -7.44
C HIS B 76 12.81 5.85 -7.60
N GLU B 77 11.78 5.24 -8.20
CA GLU B 77 10.48 5.90 -8.34
C GLU B 77 9.89 6.20 -6.97
N SER B 78 9.42 7.44 -6.81
CA SER B 78 8.90 7.92 -5.55
C SER B 78 7.74 8.88 -5.82
N ARG B 79 6.51 8.48 -5.45
CA ARG B 79 5.33 9.27 -5.82
C ARG B 79 4.55 9.71 -4.58
N THR B 80 3.76 10.79 -4.74
CA THR B 80 2.88 11.31 -3.71
C THR B 80 1.49 11.52 -4.32
N ASN B 81 0.54 11.92 -3.47
CA ASN B 81 -0.82 12.25 -3.90
C ASN B 81 -0.79 13.25 -5.06
N ALA B 82 0.12 14.22 -4.99
CA ALA B 82 0.20 15.29 -6.00
C ALA B 82 0.65 14.75 -7.36
N ASP B 83 1.57 13.76 -7.35
CA ASP B 83 1.95 13.13 -8.60
C ASP B 83 0.74 12.42 -9.21
N ILE B 84 -0.05 11.74 -8.36
CA ILE B 84 -1.16 10.92 -8.83
C ILE B 84 -2.19 11.88 -9.40
N ILE B 85 -2.48 12.97 -8.68
CA ILE B 85 -3.45 13.94 -9.15
C ILE B 85 -3.00 14.46 -10.52
N GLU B 86 -1.69 14.74 -10.65
CA GLU B 86 -1.16 15.26 -11.90
C GLU B 86 -1.37 14.25 -13.02
N THR B 87 -1.12 12.97 -12.75
CA THR B 87 -1.31 11.94 -13.75
C THR B 87 -2.76 11.92 -14.21
N LEU B 88 -3.69 12.05 -13.26
CA LEU B 88 -5.11 11.97 -13.61
C LEU B 88 -5.56 13.20 -14.42
N ARG B 89 -4.91 14.35 -14.22
CA ARG B 89 -5.15 15.51 -15.06
C ARG B 89 -4.85 15.17 -16.52
N LYS B 90 -3.78 14.39 -16.72
CA LYS B 90 -3.20 14.11 -18.02
C LYS B 90 -4.04 13.04 -18.72
N LYS B 91 -4.45 12.01 -17.97
CA LYS B 91 -5.30 10.95 -18.50
C LYS B 91 -6.63 11.56 -18.97
N GLY B 92 -6.94 12.77 -18.48
CA GLY B 92 -8.14 13.48 -18.88
C GLY B 92 -9.20 13.47 -17.79
N GLY C 2 -11.15 -6.97 -17.46
CA GLY C 2 -10.18 -7.10 -18.61
C GLY C 2 -10.81 -7.91 -19.74
N ARG C 3 -10.16 -7.90 -20.90
CA ARG C 3 -10.71 -8.59 -22.06
C ARG C 3 -10.91 -10.07 -21.76
N LYS C 4 -10.08 -10.65 -20.90
CA LYS C 4 -10.34 -12.01 -20.43
C LYS C 4 -10.03 -12.11 -18.94
N LYS C 5 -10.72 -13.01 -18.25
CA LYS C 5 -10.50 -13.22 -16.82
C LYS C 5 -9.20 -13.98 -16.63
N ILE C 6 -8.37 -13.56 -15.66
CA ILE C 6 -7.15 -14.29 -15.36
C ILE C 6 -7.22 -14.86 -13.95
N GLN C 7 -6.41 -15.91 -13.70
CA GLN C 7 -6.29 -16.49 -12.38
C GLN C 7 -5.13 -15.79 -11.66
N ILE C 8 -5.22 -15.69 -10.35
CA ILE C 8 -4.16 -15.04 -9.60
C ILE C 8 -3.03 -16.04 -9.38
N GLN C 9 -2.01 -15.97 -10.25
CA GLN C 9 -0.85 -16.83 -10.22
C GLN C 9 0.30 -16.13 -10.96
N ARG C 10 1.54 -16.59 -10.73
CA ARG C 10 2.71 -15.94 -11.27
C ARG C 10 2.63 -15.90 -12.80
N ILE C 11 2.88 -14.71 -13.35
CA ILE C 11 3.00 -14.55 -14.80
C ILE C 11 4.40 -14.97 -15.24
N THR C 12 4.49 -15.88 -16.24
CA THR C 12 5.77 -16.44 -16.68
C THR C 12 6.42 -15.59 -17.77
N ASP C 13 5.62 -15.11 -18.74
CA ASP C 13 6.16 -14.27 -19.80
C ASP C 13 6.73 -12.98 -19.21
N GLU C 14 8.05 -12.83 -19.35
CA GLU C 14 8.81 -11.69 -18.87
C GLU C 14 8.12 -10.38 -19.26
N ARG C 15 7.65 -10.32 -20.52
CA ARG C 15 7.14 -9.07 -21.05
C ARG C 15 5.78 -8.76 -20.45
N ASN C 16 4.90 -9.76 -20.39
CA ASN C 16 3.58 -9.56 -19.84
C ASN C 16 3.73 -9.13 -18.37
N ARG C 17 4.72 -9.72 -17.69
CA ARG C 17 4.93 -9.46 -16.28
C ARG C 17 5.22 -7.98 -16.05
N GLN C 18 6.08 -7.39 -16.88
CA GLN C 18 6.56 -6.04 -16.71
C GLN C 18 5.42 -5.06 -17.00
N VAL C 19 4.62 -5.40 -18.00
CA VAL C 19 3.52 -4.57 -18.46
C VAL C 19 2.46 -4.54 -17.37
N THR C 20 2.14 -5.72 -16.82
CA THR C 20 1.10 -5.86 -15.80
C THR C 20 1.54 -5.17 -14.52
N PHE C 21 2.82 -5.37 -14.16
CA PHE C 21 3.40 -4.70 -13.01
C PHE C 21 3.19 -3.18 -13.09
N THR C 22 3.51 -2.58 -14.22
CA THR C 22 3.47 -1.12 -14.36
C THR C 22 2.04 -0.59 -14.20
N LYS C 23 1.08 -1.27 -14.83
CA LYS C 23 -0.31 -0.85 -14.83
C LYS C 23 -0.92 -1.05 -13.44
N ARG C 24 -0.67 -2.21 -12.83
CA ARG C 24 -1.28 -2.49 -11.53
C ARG C 24 -0.63 -1.67 -10.40
N LYS C 25 0.66 -1.39 -10.52
CA LYS C 25 1.32 -0.54 -9.55
C LYS C 25 0.63 0.83 -9.52
N PHE C 26 0.36 1.38 -10.69
CA PHE C 26 -0.30 2.68 -10.74
C PHE C 26 -1.71 2.58 -10.15
N GLY C 27 -2.40 1.47 -10.45
CA GLY C 27 -3.75 1.25 -9.96
C GLY C 27 -3.79 1.16 -8.44
N LEU C 28 -2.75 0.58 -7.86
CA LEU C 28 -2.61 0.48 -6.42
C LEU C 28 -2.40 1.87 -5.82
N MET C 29 -1.54 2.67 -6.46
CA MET C 29 -1.25 3.98 -5.93
C MET C 29 -2.47 4.91 -6.04
N LYS C 30 -3.26 4.72 -7.11
CA LYS C 30 -4.47 5.49 -7.31
C LYS C 30 -5.49 5.21 -6.18
N LYS C 31 -5.64 3.93 -5.82
CA LYS C 31 -6.55 3.54 -4.75
C LYS C 31 -6.04 4.04 -3.39
N ALA C 32 -4.71 4.07 -3.19
CA ALA C 32 -4.20 4.62 -1.96
C ALA C 32 -4.52 6.12 -1.91
N TYR C 33 -4.33 6.81 -3.03
CA TYR C 33 -4.63 8.23 -3.10
C TYR C 33 -6.08 8.52 -2.70
N GLU C 34 -7.02 7.76 -3.27
CA GLU C 34 -8.44 7.92 -2.96
C GLU C 34 -8.76 7.65 -1.49
N LEU C 35 -8.26 6.53 -0.94
CA LEU C 35 -8.47 6.26 0.48
C LEU C 35 -7.96 7.41 1.37
N SER C 36 -6.75 7.90 1.09
CA SER C 36 -6.14 8.90 1.96
C SER C 36 -6.96 10.19 1.97
N VAL C 37 -7.49 10.58 0.81
CA VAL C 37 -8.33 11.76 0.70
C VAL C 37 -9.72 11.53 1.28
N LEU C 38 -10.38 10.40 0.92
CA LEU C 38 -11.77 10.24 1.33
C LEU C 38 -11.85 10.15 2.86
N CYS C 39 -10.90 9.45 3.46
CA CYS C 39 -11.02 9.02 4.84
C CYS C 39 -9.95 9.69 5.73
N ASP C 40 -9.23 10.67 5.19
CA ASP C 40 -8.20 11.39 5.94
C ASP C 40 -7.16 10.43 6.51
N CYS C 41 -6.53 9.63 5.65
CA CYS C 41 -5.48 8.72 6.07
C CYS C 41 -4.11 9.20 5.58
N GLU C 42 -3.09 8.79 6.33
CA GLU C 42 -1.70 8.88 5.91
C GLU C 42 -1.23 7.48 5.55
N ILE C 43 -0.73 7.34 4.31
CA ILE C 43 -0.46 6.04 3.75
C ILE C 43 0.95 6.05 3.15
N ALA C 44 1.68 4.95 3.37
CA ALA C 44 2.91 4.67 2.67
C ALA C 44 2.84 3.27 2.07
N LEU C 45 3.43 3.15 0.89
CA LEU C 45 3.48 1.90 0.17
C LEU C 45 4.92 1.72 -0.32
N ILE C 46 5.46 0.53 -0.05
CA ILE C 46 6.78 0.15 -0.49
C ILE C 46 6.65 -1.13 -1.32
N ILE C 47 7.19 -1.11 -2.53
CA ILE C 47 7.11 -2.26 -3.42
C ILE C 47 8.54 -2.59 -3.89
N PHE C 48 8.90 -3.86 -3.74
CA PHE C 48 10.06 -4.41 -4.40
C PHE C 48 9.59 -5.33 -5.51
N ASN C 49 10.03 -5.10 -6.75
CA ASN C 49 9.66 -5.97 -7.84
C ASN C 49 10.47 -7.27 -7.76
N HIS C 50 10.36 -8.11 -8.81
CA HIS C 50 10.90 -9.46 -8.73
C HIS C 50 12.44 -9.42 -8.80
N SER C 51 12.99 -8.34 -9.35
CA SER C 51 14.43 -8.13 -9.38
C SER C 51 14.91 -7.32 -8.17
N ASN C 52 13.99 -7.00 -7.26
CA ASN C 52 14.31 -6.29 -6.02
C ASN C 52 14.63 -4.82 -6.27
N LYS C 53 14.07 -4.25 -7.33
CA LYS C 53 14.09 -2.81 -7.54
C LYS C 53 13.00 -2.15 -6.68
N LEU C 54 13.25 -0.93 -6.18
CA LEU C 54 12.39 -0.26 -5.21
C LEU C 54 11.50 0.77 -5.88
N PHE C 55 10.20 0.71 -5.57
CA PHE C 55 9.22 1.74 -5.91
C PHE C 55 8.46 2.11 -4.65
N GLN C 56 8.17 3.41 -4.47
CA GLN C 56 7.54 3.82 -3.23
C GLN C 56 6.46 4.86 -3.50
N TYR C 57 5.48 4.92 -2.58
CA TYR C 57 4.44 5.94 -2.60
C TYR C 57 4.17 6.36 -1.16
N ALA C 58 3.83 7.63 -0.97
CA ALA C 58 3.31 8.05 0.32
C ALA C 58 2.32 9.17 0.07
N SER C 59 1.21 9.19 0.80
CA SER C 59 0.23 10.20 0.47
C SER C 59 0.87 11.59 0.42
N THR C 60 1.64 11.92 1.46
CA THR C 60 2.24 13.24 1.62
C THR C 60 3.76 13.14 1.76
N ASP C 61 4.25 12.37 2.74
CA ASP C 61 5.65 12.38 3.12
C ASP C 61 6.02 11.03 3.73
N MET C 62 6.86 10.27 3.02
CA MET C 62 7.23 8.92 3.40
C MET C 62 7.91 8.89 4.77
N ASP C 63 8.84 9.85 5.00
CA ASP C 63 9.64 9.90 6.22
C ASP C 63 8.75 9.93 7.45
N LYS C 64 7.77 10.85 7.45
CA LYS C 64 6.88 11.08 8.58
C LYS C 64 6.10 9.82 8.94
N VAL C 65 5.63 9.08 7.93
CA VAL C 65 4.83 7.89 8.18
C VAL C 65 5.73 6.80 8.76
N LEU C 66 6.94 6.67 8.21
CA LEU C 66 7.85 5.67 8.74
C LEU C 66 8.21 6.01 10.18
N LEU C 67 8.44 7.30 10.45
CA LEU C 67 8.77 7.76 11.80
C LEU C 67 7.62 7.44 12.75
N LYS C 68 6.39 7.72 12.33
CA LYS C 68 5.22 7.39 13.14
C LYS C 68 5.13 5.88 13.35
N TYR C 69 5.39 5.08 12.29
CA TYR C 69 5.35 3.64 12.48
C TYR C 69 6.27 3.22 13.63
N THR C 70 7.50 3.77 13.66
CA THR C 70 8.50 3.32 14.62
C THR C 70 8.10 3.71 16.05
N GLU C 71 7.30 4.78 16.19
CA GLU C 71 6.91 5.32 17.48
C GLU C 71 5.74 4.53 18.06
N TYR C 72 5.05 3.71 17.25
CA TYR C 72 3.75 3.21 17.65
C TYR C 72 3.90 2.10 18.70
N ASN C 73 3.07 2.16 19.76
CA ASN C 73 3.30 1.29 20.90
C ASN C 73 2.23 0.21 21.04
N GLU C 74 0.99 0.54 20.65
CA GLU C 74 -0.15 -0.32 20.89
C GLU C 74 -0.14 -1.49 19.91
N PRO C 75 -0.82 -2.61 20.21
CA PRO C 75 -1.15 -3.61 19.19
C PRO C 75 -2.15 -3.04 18.16
N HIS C 76 -2.14 -3.58 16.96
CA HIS C 76 -2.92 -3.02 15.86
C HIS C 76 -3.18 -4.12 14.83
N GLU C 77 -4.10 -3.84 13.91
CA GLU C 77 -4.42 -4.75 12.82
C GLU C 77 -3.19 -4.93 11.94
N SER C 78 -2.88 -6.18 11.64
CA SER C 78 -1.66 -6.54 10.96
C SER C 78 -1.95 -7.73 10.04
N ARG C 79 -1.82 -7.53 8.73
CA ARG C 79 -2.23 -8.55 7.76
C ARG C 79 -1.07 -8.94 6.84
N THR C 80 -1.17 -10.15 6.32
CA THR C 80 -0.30 -10.74 5.32
C THR C 80 -1.19 -11.34 4.21
N ASN C 81 -0.53 -11.94 3.20
CA ASN C 81 -1.22 -12.61 2.11
C ASN C 81 -2.18 -13.66 2.62
N ALA C 82 -1.75 -14.36 3.68
CA ALA C 82 -2.54 -15.43 4.28
C ALA C 82 -3.81 -14.89 4.92
N ASP C 83 -3.73 -13.71 5.54
CA ASP C 83 -4.95 -13.10 6.08
C ASP C 83 -5.92 -12.78 4.95
N ILE C 84 -5.39 -12.26 3.84
CA ILE C 84 -6.22 -11.81 2.73
C ILE C 84 -6.91 -13.04 2.16
N ILE C 85 -6.12 -14.10 1.96
CA ILE C 85 -6.66 -15.32 1.38
C ILE C 85 -7.74 -15.86 2.31
N GLU C 86 -7.50 -15.78 3.62
CA GLU C 86 -8.47 -16.26 4.59
C GLU C 86 -9.79 -15.50 4.46
N THR C 87 -9.68 -14.17 4.33
CA THR C 87 -10.87 -13.34 4.18
C THR C 87 -11.64 -13.75 2.93
N LEU C 88 -10.92 -14.04 1.84
CA LEU C 88 -11.59 -14.37 0.59
C LEU C 88 -12.29 -15.74 0.67
N ARG C 89 -11.75 -16.67 1.45
CA ARG C 89 -12.40 -17.99 1.62
C ARG C 89 -13.68 -17.77 2.43
N LYS C 90 -13.70 -16.71 3.22
CA LYS C 90 -14.87 -16.45 4.11
C LYS C 90 -15.91 -15.64 3.36
N LYS C 91 -15.51 -14.81 2.39
CA LYS C 91 -16.49 -13.93 1.71
C LYS C 91 -17.24 -14.74 0.65
N GLY C 92 -18.43 -14.29 0.27
CA GLY C 92 -19.21 -14.97 -0.78
C GLY C 92 -19.19 -14.17 -2.07
N PHE C 93 -18.85 -12.89 -1.98
CA PHE C 93 -18.87 -12.01 -3.17
C PHE C 93 -17.43 -11.80 -3.64
#